data_8QGZ
#
_entry.id   8QGZ
#
_cell.length_a   61.680
_cell.length_b   88.680
_cell.length_c   86.560
_cell.angle_alpha   90.00
_cell.angle_beta   90.00
_cell.angle_gamma   90.00
#
_symmetry.space_group_name_H-M   'P 21 21 21'
#
loop_
_entity.id
_entity.type
_entity.pdbx_description
1 polymer NbE201
2 non-polymer 'ACETATE ION'
3 water water
#
_entity_poly.entity_id   1
_entity_poly.type   'polypeptide(L)'
_entity_poly.pdbx_seq_one_letter_code
;QVQLQESGGGLVQAGGSLRLSCVVPGRTISLYRMGWFRQAPGKEREFVAGINWSGDMTDYVDSVKGRFTISRDNAKNTVY
LEMNSLKPEDTAIYYCTADPKLLPLADSSYGYWGQGTQVTVSSHHHHHH
;
_entity_poly.pdbx_strand_id   B,A,C,D
#
# COMPACT_ATOMS: atom_id res chain seq x y z
N GLN A 1 -3.58 -15.85 0.57
CA GLN A 1 -4.83 -16.30 1.19
C GLN A 1 -6.06 -15.60 0.64
N VAL A 2 -5.88 -14.54 -0.15
CA VAL A 2 -7.01 -13.91 -0.83
C VAL A 2 -7.26 -14.70 -2.11
N GLN A 3 -8.36 -15.44 -2.14
CA GLN A 3 -8.70 -16.30 -3.27
C GLN A 3 -9.99 -15.81 -3.90
N LEU A 4 -9.97 -15.66 -5.23
CA LEU A 4 -11.16 -15.29 -6.00
C LEU A 4 -11.57 -16.50 -6.84
N GLN A 5 -12.57 -17.24 -6.38
CA GLN A 5 -12.94 -18.51 -7.00
C GLN A 5 -14.02 -18.24 -8.05
N GLU A 6 -13.68 -18.46 -9.32
CA GLU A 6 -14.55 -18.07 -10.43
C GLU A 6 -15.21 -19.30 -11.04
N SER A 7 -16.46 -19.12 -11.47
CA SER A 7 -17.23 -20.18 -12.12
C SER A 7 -18.33 -19.54 -12.95
N GLY A 8 -18.95 -20.36 -13.80
CA GLY A 8 -20.13 -19.95 -14.53
C GLY A 8 -19.92 -19.70 -16.02
N GLY A 9 -18.69 -19.70 -16.49
CA GLY A 9 -18.41 -19.47 -17.89
C GLY A 9 -18.64 -20.69 -18.74
N GLY A 10 -18.33 -20.53 -20.02
CA GLY A 10 -18.43 -21.61 -20.98
C GLY A 10 -18.89 -21.13 -22.33
N LEU A 11 -19.50 -22.02 -23.08
CA LEU A 11 -19.95 -21.76 -24.45
C LEU A 11 -21.45 -21.52 -24.46
N VAL A 12 -21.89 -20.51 -25.22
CA VAL A 12 -23.29 -20.16 -25.23
C VAL A 12 -23.64 -19.53 -26.57
N GLN A 13 -24.83 -19.83 -27.07
CA GLN A 13 -25.28 -19.28 -28.33
C GLN A 13 -25.71 -17.83 -28.16
N ALA A 14 -25.50 -17.03 -29.21
CA ALA A 14 -25.86 -15.62 -29.18
C ALA A 14 -27.33 -15.46 -28.80
N GLY A 15 -27.60 -14.46 -27.96
CA GLY A 15 -28.91 -14.27 -27.39
C GLY A 15 -29.13 -15.00 -26.08
N GLY A 16 -28.27 -15.96 -25.76
CA GLY A 16 -28.41 -16.73 -24.55
C GLY A 16 -27.86 -15.98 -23.34
N SER A 17 -27.85 -16.70 -22.23
CA SER A 17 -27.55 -16.12 -20.93
C SER A 17 -26.49 -16.93 -20.20
N LEU A 18 -25.77 -16.26 -19.31
CA LEU A 18 -24.86 -16.93 -18.39
C LEU A 18 -24.91 -16.21 -17.04
N ARG A 19 -24.43 -16.87 -16.00
CA ARG A 19 -24.21 -16.23 -14.70
C ARG A 19 -22.81 -16.57 -14.20
N LEU A 20 -21.96 -15.56 -14.15
CA LEU A 20 -20.63 -15.72 -13.56
C LEU A 20 -20.71 -15.54 -12.04
N SER A 21 -19.84 -16.24 -11.33
CA SER A 21 -19.82 -16.23 -9.88
C SER A 21 -18.39 -16.16 -9.38
N CYS A 22 -18.17 -15.29 -8.39
CA CYS A 22 -16.86 -15.10 -7.78
C CYS A 22 -17.00 -15.21 -6.28
N VAL A 23 -16.44 -16.28 -5.71
CA VAL A 23 -16.55 -16.58 -4.29
C VAL A 23 -15.21 -16.24 -3.65
N VAL A 24 -15.26 -15.53 -2.53
CA VAL A 24 -14.08 -15.14 -1.78
C VAL A 24 -14.18 -15.73 -0.38
N PRO A 25 -13.45 -16.81 -0.08
CA PRO A 25 -13.52 -17.37 1.26
C PRO A 25 -12.98 -16.40 2.29
N GLY A 26 -13.55 -16.46 3.49
CA GLY A 26 -13.10 -15.63 4.59
C GLY A 26 -13.83 -14.31 4.70
N ARG A 27 -13.15 -13.39 5.40
CA ARG A 27 -13.71 -12.10 5.80
C ARG A 27 -13.39 -11.09 4.71
N THR A 28 -14.42 -10.62 4.00
CA THR A 28 -14.21 -9.80 2.81
C THR A 28 -14.59 -8.33 3.00
N ILE A 29 -14.80 -7.89 4.24
CA ILE A 29 -15.17 -6.51 4.51
C ILE A 29 -14.13 -5.54 3.98
N SER A 30 -12.85 -5.94 3.95
CA SER A 30 -11.81 -5.01 3.53
C SER A 30 -11.86 -4.75 2.03
N LEU A 31 -12.58 -5.57 1.27
CA LEU A 31 -12.58 -5.46 -0.19
C LEU A 31 -13.81 -4.66 -0.56
N TYR A 32 -13.65 -3.34 -0.62
CA TYR A 32 -14.82 -2.48 -0.76
C TYR A 32 -15.36 -2.54 -2.17
N ARG A 33 -14.47 -2.77 -3.13
CA ARG A 33 -14.89 -2.85 -4.52
C ARG A 33 -14.61 -4.26 -5.03
N MET A 34 -15.53 -4.76 -5.84
CA MET A 34 -15.37 -6.01 -6.53
C MET A 34 -15.98 -5.81 -7.90
N GLY A 35 -15.47 -6.52 -8.88
CA GLY A 35 -15.92 -6.27 -10.23
C GLY A 35 -15.52 -7.38 -11.17
N TRP A 36 -15.75 -7.13 -12.44
CA TRP A 36 -15.38 -8.02 -13.53
C TRP A 36 -14.70 -7.20 -14.61
N PHE A 37 -13.59 -7.73 -15.11
CA PHE A 37 -12.88 -7.21 -16.26
C PHE A 37 -12.87 -8.35 -17.28
N ARG A 38 -12.68 -8.02 -18.55
CA ARG A 38 -12.63 -9.02 -19.58
C ARG A 38 -11.57 -8.61 -20.60
N GLN A 39 -10.96 -9.61 -21.23
CA GLN A 39 -9.98 -9.36 -22.28
C GLN A 39 -10.12 -10.48 -23.31
N ALA A 40 -10.31 -10.08 -24.56
CA ALA A 40 -10.31 -11.02 -25.68
C ALA A 40 -8.99 -10.93 -26.41
N PRO A 41 -8.55 -12.01 -27.05
CA PRO A 41 -7.26 -11.96 -27.75
C PRO A 41 -7.19 -10.77 -28.71
N GLY A 42 -6.02 -10.11 -28.72
CA GLY A 42 -5.76 -8.99 -29.58
C GLY A 42 -6.41 -7.68 -29.18
N LYS A 43 -7.10 -7.65 -28.03
CA LYS A 43 -7.80 -6.46 -27.59
C LYS A 43 -7.37 -6.15 -26.16
N GLU A 44 -7.61 -4.90 -25.74
CA GLU A 44 -7.18 -4.45 -24.43
C GLU A 44 -8.16 -4.93 -23.38
N ARG A 45 -7.63 -5.23 -22.19
CA ARG A 45 -8.46 -5.56 -21.04
CA ARG A 45 -8.47 -5.55 -21.05
C ARG A 45 -9.38 -4.39 -20.72
N GLU A 46 -10.61 -4.70 -20.32
CA GLU A 46 -11.70 -3.73 -20.19
C GLU A 46 -12.53 -3.99 -18.94
N PHE A 47 -12.88 -2.90 -18.26
CA PHE A 47 -13.84 -2.95 -17.17
C PHE A 47 -15.19 -3.39 -17.71
N VAL A 48 -15.85 -4.29 -16.98
CA VAL A 48 -17.19 -4.76 -17.33
C VAL A 48 -18.24 -4.26 -16.34
N ALA A 49 -18.10 -4.61 -15.07
CA ALA A 49 -19.04 -4.17 -14.04
C ALA A 49 -18.33 -4.20 -12.70
N GLY A 50 -18.82 -3.40 -11.77
CA GLY A 50 -18.28 -3.36 -10.42
C GLY A 50 -19.36 -3.01 -9.42
N ILE A 51 -19.07 -3.30 -8.15
CA ILE A 51 -20.05 -3.14 -7.08
C ILE A 51 -19.31 -2.89 -5.77
N ASN A 52 -19.94 -2.11 -4.89
CA ASN A 52 -19.35 -1.76 -3.61
C ASN A 52 -19.75 -2.80 -2.54
N TRP A 53 -19.21 -2.65 -1.33
CA TRP A 53 -19.38 -3.70 -0.34
C TRP A 53 -20.83 -3.84 0.09
N SER A 54 -21.57 -2.73 0.15
CA SER A 54 -22.95 -2.81 0.60
C SER A 54 -23.90 -3.26 -0.49
N GLY A 55 -23.40 -3.41 -1.72
CA GLY A 55 -24.20 -3.96 -2.80
C GLY A 55 -25.20 -3.01 -3.42
N ASP A 56 -25.18 -1.73 -3.04
CA ASP A 56 -26.17 -0.77 -3.50
C ASP A 56 -25.64 0.25 -4.51
N MET A 57 -24.35 0.21 -4.85
CA MET A 57 -23.81 1.03 -5.91
C MET A 57 -23.12 0.13 -6.93
N THR A 58 -23.40 0.38 -8.21
CA THR A 58 -22.84 -0.42 -9.29
C THR A 58 -22.44 0.49 -10.43
N ASP A 59 -21.64 -0.05 -11.35
CA ASP A 59 -21.32 0.67 -12.58
C ASP A 59 -20.96 -0.37 -13.65
N TYR A 60 -21.05 0.05 -14.90
CA TYR A 60 -20.93 -0.87 -16.03
C TYR A 60 -20.25 -0.19 -17.20
N VAL A 61 -19.53 -0.98 -18.01
CA VAL A 61 -19.12 -0.48 -19.31
C VAL A 61 -20.36 -0.31 -20.18
N ASP A 62 -20.39 0.74 -21.00
CA ASP A 62 -21.62 1.10 -21.70
C ASP A 62 -22.10 -0.02 -22.62
N SER A 63 -21.20 -0.80 -23.19
CA SER A 63 -21.59 -1.82 -24.14
C SER A 63 -22.40 -2.95 -23.51
N VAL A 64 -22.44 -3.04 -22.18
CA VAL A 64 -23.21 -4.09 -21.51
C VAL A 64 -24.38 -3.54 -20.72
N LYS A 65 -24.56 -2.23 -20.68
CA LYS A 65 -25.70 -1.67 -19.94
C LYS A 65 -27.01 -2.19 -20.52
N GLY A 66 -27.91 -2.61 -19.64
CA GLY A 66 -29.16 -3.19 -20.06
C GLY A 66 -29.10 -4.68 -20.33
N ARG A 67 -27.91 -5.26 -20.34
CA ARG A 67 -27.75 -6.69 -20.60
C ARG A 67 -27.18 -7.44 -19.40
N PHE A 68 -26.20 -6.87 -18.71
CA PHE A 68 -25.57 -7.49 -17.55
C PHE A 68 -26.07 -6.84 -16.27
N THR A 69 -26.12 -7.61 -15.19
CA THR A 69 -26.40 -7.05 -13.86
C THR A 69 -25.43 -7.67 -12.87
N ILE A 70 -24.71 -6.84 -12.12
CA ILE A 70 -23.80 -7.31 -11.08
C ILE A 70 -24.51 -7.17 -9.74
N SER A 71 -24.29 -8.12 -8.84
CA SER A 71 -24.92 -8.13 -7.54
C SER A 71 -23.96 -8.78 -6.55
N ARG A 72 -24.23 -8.58 -5.26
CA ARG A 72 -23.31 -9.01 -4.21
C ARG A 72 -24.15 -9.65 -3.12
N ASP A 73 -23.72 -10.83 -2.67
CA ASP A 73 -24.37 -11.58 -1.60
C ASP A 73 -23.28 -11.88 -0.57
N ASN A 74 -23.12 -10.98 0.40
CA ASN A 74 -22.04 -11.14 1.36
C ASN A 74 -22.31 -12.30 2.31
N ALA A 75 -23.57 -12.69 2.47
CA ALA A 75 -23.87 -13.86 3.29
C ALA A 75 -23.24 -15.12 2.70
N LYS A 76 -23.05 -15.16 1.38
CA LYS A 76 -22.37 -16.27 0.72
C LYS A 76 -21.02 -15.86 0.14
N ASN A 77 -20.51 -14.69 0.53
CA ASN A 77 -19.21 -14.18 0.09
C ASN A 77 -19.06 -14.24 -1.43
N THR A 78 -20.13 -13.93 -2.14
CA THR A 78 -20.17 -14.12 -3.58
C THR A 78 -20.63 -12.85 -4.27
N VAL A 79 -19.98 -12.56 -5.38
CA VAL A 79 -20.47 -11.56 -6.33
CA VAL A 79 -20.46 -11.56 -6.34
C VAL A 79 -20.89 -12.31 -7.59
N TYR A 80 -22.03 -11.94 -8.15
CA TYR A 80 -22.56 -12.58 -9.34
C TYR A 80 -22.58 -11.59 -10.50
N LEU A 81 -22.42 -12.12 -11.72
CA LEU A 81 -22.62 -11.34 -12.93
C LEU A 81 -23.61 -12.06 -13.84
N GLU A 82 -24.86 -11.57 -13.85
CA GLU A 82 -25.88 -12.10 -14.73
C GLU A 82 -25.69 -11.48 -16.11
N MET A 83 -25.51 -12.31 -17.12
CA MET A 83 -25.22 -11.86 -18.49
C MET A 83 -26.34 -12.34 -19.40
N ASN A 84 -27.20 -11.41 -19.84
CA ASN A 84 -28.27 -11.72 -20.76
C ASN A 84 -27.99 -11.13 -22.13
N SER A 85 -28.69 -11.64 -23.14
CA SER A 85 -28.57 -11.17 -24.53
C SER A 85 -27.11 -11.16 -25.00
N LEU A 86 -26.42 -12.26 -24.78
CA LEU A 86 -25.01 -12.32 -25.11
C LEU A 86 -24.78 -12.15 -26.61
N LYS A 87 -23.70 -11.48 -26.95
CA LYS A 87 -23.31 -11.21 -28.31
C LYS A 87 -21.91 -11.75 -28.57
N PRO A 88 -21.57 -12.02 -29.83
CA PRO A 88 -20.22 -12.53 -30.12
C PRO A 88 -19.09 -11.65 -29.59
N GLU A 89 -19.24 -10.33 -29.63
CA GLU A 89 -18.26 -9.40 -29.08
C GLU A 89 -18.21 -9.40 -27.56
N ASP A 90 -19.06 -10.17 -26.89
CA ASP A 90 -18.90 -10.44 -25.48
C ASP A 90 -17.93 -11.59 -25.23
N THR A 91 -17.43 -12.22 -26.30
CA THR A 91 -16.46 -13.30 -26.15
C THR A 91 -15.14 -12.78 -25.60
N ALA A 92 -14.64 -13.44 -24.56
CA ALA A 92 -13.42 -13.01 -23.90
C ALA A 92 -13.13 -13.84 -22.65
N ILE A 93 -11.93 -13.70 -22.09
CA ILE A 93 -11.67 -14.17 -20.74
C ILE A 93 -12.19 -13.14 -19.75
N TYR A 94 -13.00 -13.58 -18.81
CA TYR A 94 -13.56 -12.72 -17.77
C TYR A 94 -12.83 -12.95 -16.46
N TYR A 95 -12.45 -11.87 -15.78
CA TYR A 95 -11.70 -11.95 -14.54
C TYR A 95 -12.47 -11.27 -13.41
N CYS A 96 -12.61 -11.98 -12.30
CA CYS A 96 -13.09 -11.37 -11.07
C CYS A 96 -11.97 -10.53 -10.46
N THR A 97 -12.34 -9.38 -9.88
CA THR A 97 -11.36 -8.47 -9.32
C THR A 97 -11.87 -7.92 -7.98
N ALA A 98 -10.94 -7.50 -7.14
CA ALA A 98 -11.28 -6.92 -5.84
C ALA A 98 -10.21 -5.90 -5.45
N ASP A 99 -10.62 -4.91 -4.65
CA ASP A 99 -9.68 -3.87 -4.26
C ASP A 99 -10.19 -3.17 -3.01
N PRO A 100 -9.28 -2.70 -2.14
CA PRO A 100 -9.72 -1.96 -0.94
C PRO A 100 -9.98 -0.47 -1.15
N LYS A 101 -9.58 0.13 -2.26
CA LYS A 101 -9.54 1.60 -2.33
C LYS A 101 -10.94 2.18 -2.55
N LEU A 102 -11.19 3.32 -1.89
CA LEU A 102 -12.48 4.00 -1.96
C LEU A 102 -12.50 4.98 -3.14
N LEU A 103 -12.32 4.41 -4.32
CA LEU A 103 -12.40 5.09 -5.61
C LEU A 103 -13.64 4.67 -6.41
N PRO A 104 -13.93 5.36 -7.52
CA PRO A 104 -15.04 4.93 -8.38
C PRO A 104 -14.85 3.48 -8.82
N LEU A 105 -15.99 2.78 -8.96
CA LEU A 105 -15.96 1.35 -9.25
C LEU A 105 -15.27 1.05 -10.58
N ALA A 106 -15.38 1.97 -11.54
CA ALA A 106 -14.80 1.78 -12.87
C ALA A 106 -13.35 2.26 -12.97
N ASP A 107 -12.78 2.81 -11.91
CA ASP A 107 -11.39 3.20 -11.90
C ASP A 107 -10.53 1.95 -11.95
N SER A 108 -9.72 1.79 -13.00
CA SER A 108 -8.95 0.54 -13.13
C SER A 108 -7.69 0.62 -12.28
N SER A 109 -7.89 0.46 -10.97
CA SER A 109 -6.82 0.42 -9.98
C SER A 109 -6.98 -0.78 -9.06
N TYR A 110 -7.51 -1.88 -9.61
CA TYR A 110 -7.76 -3.09 -8.83
C TYR A 110 -6.48 -3.89 -8.62
N GLY A 111 -6.25 -4.31 -7.38
CA GLY A 111 -5.04 -5.03 -7.03
C GLY A 111 -5.14 -6.54 -6.94
N TYR A 112 -6.35 -7.08 -6.89
CA TYR A 112 -6.55 -8.53 -6.74
C TYR A 112 -7.28 -9.06 -7.96
N TRP A 113 -6.75 -10.12 -8.55
CA TRP A 113 -7.24 -10.62 -9.83
C TRP A 113 -7.43 -12.12 -9.76
N GLY A 114 -8.56 -12.58 -10.31
CA GLY A 114 -8.75 -14.00 -10.43
C GLY A 114 -7.99 -14.57 -11.61
N GLN A 115 -8.02 -15.89 -11.72
CA GLN A 115 -7.33 -16.56 -12.82
C GLN A 115 -8.10 -16.45 -14.13
N GLY A 116 -9.40 -16.22 -14.08
CA GLY A 116 -10.13 -15.98 -15.31
C GLY A 116 -11.00 -17.16 -15.70
N THR A 117 -12.07 -16.86 -16.41
CA THR A 117 -13.00 -17.88 -16.89
C THR A 117 -13.40 -17.54 -18.32
N GLN A 118 -13.34 -18.53 -19.22
CA GLN A 118 -13.58 -18.27 -20.63
C GLN A 118 -15.08 -18.18 -20.90
N VAL A 119 -15.48 -17.16 -21.65
CA VAL A 119 -16.84 -17.01 -22.14
C VAL A 119 -16.79 -16.92 -23.65
N THR A 120 -17.48 -17.84 -24.33
CA THR A 120 -17.52 -17.88 -25.78
C THR A 120 -18.96 -17.82 -26.25
N VAL A 121 -19.29 -16.82 -27.06
CA VAL A 121 -20.63 -16.63 -27.58
C VAL A 121 -20.57 -17.01 -29.06
N SER A 122 -21.16 -18.15 -29.39
CA SER A 122 -21.13 -18.67 -30.75
C SER A 122 -22.28 -18.13 -31.57
N SER A 123 -22.01 -17.87 -32.85
CA SER A 123 -23.02 -17.44 -33.80
C SER A 123 -23.23 -18.45 -34.93
N HIS A 124 -22.93 -19.72 -34.68
CA HIS A 124 -23.08 -20.77 -35.70
C HIS A 124 -24.50 -21.31 -35.80
N GLN B 1 1.22 -17.84 -3.48
CA GLN B 1 2.63 -18.16 -3.33
C GLN B 1 3.50 -17.18 -4.11
N VAL B 2 2.87 -16.37 -4.96
CA VAL B 2 3.58 -15.29 -5.63
C VAL B 2 3.67 -14.11 -4.67
N GLN B 3 4.87 -13.78 -4.25
CA GLN B 3 5.13 -12.70 -3.31
C GLN B 3 6.00 -11.67 -4.03
N LEU B 4 5.57 -10.42 -4.03
CA LEU B 4 6.31 -9.33 -4.65
C LEU B 4 6.82 -8.44 -3.51
N GLN B 5 8.09 -8.58 -3.17
CA GLN B 5 8.67 -7.92 -2.01
C GLN B 5 9.28 -6.60 -2.46
N GLU B 6 8.69 -5.49 -2.02
CA GLU B 6 9.06 -4.17 -2.49
C GLU B 6 9.87 -3.41 -1.44
N SER B 7 10.84 -2.63 -1.92
CA SER B 7 11.69 -1.83 -1.05
C SER B 7 12.29 -0.70 -1.87
N GLY B 8 12.89 0.27 -1.16
CA GLY B 8 13.65 1.33 -1.76
C GLY B 8 12.98 2.70 -1.76
N GLY B 9 11.71 2.79 -1.39
CA GLY B 9 11.00 4.05 -1.40
C GLY B 9 11.31 4.95 -0.23
N GLY B 10 10.64 6.10 -0.21
CA GLY B 10 10.78 7.06 0.86
C GLY B 10 10.72 8.50 0.42
N LEU B 11 11.36 9.37 1.20
CA LEU B 11 11.36 10.81 0.99
C LEU B 11 12.67 11.27 0.36
N VAL B 12 12.58 12.16 -0.62
CA VAL B 12 13.75 12.61 -1.37
C VAL B 12 13.54 14.03 -1.88
N GLN B 13 14.63 14.78 -1.97
CA GLN B 13 14.59 16.14 -2.50
CA GLN B 13 14.58 16.14 -2.50
C GLN B 13 14.52 16.13 -4.02
N ALA B 14 13.80 17.11 -4.57
CA ALA B 14 13.72 17.22 -6.03
C ALA B 14 15.13 17.27 -6.62
N GLY B 15 15.32 16.57 -7.72
CA GLY B 15 16.63 16.38 -8.30
C GLY B 15 17.38 15.15 -7.80
N GLY B 16 16.93 14.57 -6.69
CA GLY B 16 17.60 13.42 -6.12
C GLY B 16 17.19 12.13 -6.80
N SER B 17 17.56 11.02 -6.17
CA SER B 17 17.37 9.72 -6.79
C SER B 17 17.04 8.66 -5.77
N LEU B 18 16.37 7.60 -6.25
CA LEU B 18 16.03 6.43 -5.47
C LEU B 18 16.22 5.20 -6.33
N ARG B 19 16.27 4.04 -5.69
CA ARG B 19 16.25 2.77 -6.41
C ARG B 19 15.19 1.89 -5.76
N LEU B 20 14.12 1.62 -6.49
CA LEU B 20 13.12 0.67 -6.02
C LEU B 20 13.56 -0.75 -6.35
N SER B 21 13.17 -1.68 -5.49
CA SER B 21 13.49 -3.08 -5.68
C SER B 21 12.23 -3.91 -5.55
N CYS B 22 12.10 -4.94 -6.40
CA CYS B 22 11.00 -5.89 -6.27
C CYS B 22 11.58 -7.29 -6.40
N VAL B 23 11.54 -8.06 -5.31
CA VAL B 23 12.12 -9.39 -5.26
C VAL B 23 10.96 -10.39 -5.24
N VAL B 24 11.06 -11.42 -6.06
CA VAL B 24 10.04 -12.46 -6.15
C VAL B 24 10.68 -13.81 -5.79
N PRO B 25 10.39 -14.32 -4.58
CA PRO B 25 10.95 -15.62 -4.21
C PRO B 25 10.44 -16.71 -5.14
N GLY B 26 11.25 -17.76 -5.27
CA GLY B 26 10.86 -18.91 -6.05
C GLY B 26 11.31 -18.83 -7.51
N ARG B 27 10.81 -19.78 -8.28
CA ARG B 27 11.12 -19.88 -9.70
C ARG B 27 10.14 -19.03 -10.48
N THR B 28 10.64 -17.98 -11.11
CA THR B 28 9.78 -16.94 -11.65
C THR B 28 9.72 -16.95 -13.18
N ILE B 29 10.20 -18.01 -13.83
CA ILE B 29 10.23 -18.06 -15.28
C ILE B 29 8.84 -17.82 -15.86
N SER B 30 7.78 -18.20 -15.12
CA SER B 30 6.44 -18.05 -15.67
C SER B 30 6.02 -16.59 -15.75
N LEU B 31 6.64 -15.70 -14.99
CA LEU B 31 6.19 -14.31 -14.96
C LEU B 31 7.05 -13.58 -15.98
N TYR B 32 6.50 -13.45 -17.19
CA TYR B 32 7.27 -12.94 -18.31
C TYR B 32 7.41 -11.44 -18.26
N ARG B 33 6.43 -10.77 -17.68
CA ARG B 33 6.45 -9.33 -17.60
C ARG B 33 6.47 -8.92 -16.13
N MET B 34 7.28 -7.91 -15.83
CA MET B 34 7.32 -7.28 -14.53
C MET B 34 7.51 -5.80 -14.78
N GLY B 35 6.97 -5.01 -13.87
CA GLY B 35 7.00 -3.59 -14.09
C GLY B 35 6.68 -2.84 -12.83
N TRP B 36 6.50 -1.54 -13.01
CA TRP B 36 6.13 -0.64 -11.95
C TRP B 36 4.98 0.22 -12.44
N PHE B 37 3.97 0.36 -11.58
CA PHE B 37 2.87 1.28 -11.78
C PHE B 37 2.88 2.24 -10.60
N ARG B 38 2.26 3.40 -10.77
CA ARG B 38 2.21 4.36 -9.68
C ARG B 38 0.87 5.07 -9.68
N GLN B 39 0.43 5.46 -8.49
CA GLN B 39 -0.80 6.23 -8.35
C GLN B 39 -0.66 7.21 -7.20
N ALA B 40 -0.95 8.46 -7.47
CA ALA B 40 -1.02 9.55 -6.52
C ALA B 40 -2.48 9.88 -6.17
N PRO B 41 -2.74 10.43 -4.99
CA PRO B 41 -4.13 10.78 -4.64
C PRO B 41 -4.76 11.65 -5.71
N GLY B 42 -6.01 11.35 -6.05
CA GLY B 42 -6.74 12.13 -7.02
C GLY B 42 -6.33 11.94 -8.46
N LYS B 43 -5.44 10.99 -8.74
CA LYS B 43 -5.01 10.74 -10.11
C LYS B 43 -5.18 9.27 -10.44
N GLU B 44 -5.17 8.96 -11.73
CA GLU B 44 -5.34 7.61 -12.21
C GLU B 44 -4.01 6.86 -12.14
N ARG B 45 -4.09 5.56 -11.82
CA ARG B 45 -2.92 4.70 -11.79
C ARG B 45 -2.32 4.59 -13.17
N GLU B 46 -0.99 4.58 -13.25
CA GLU B 46 -0.32 4.63 -14.54
C GLU B 46 0.92 3.75 -14.56
N PHE B 47 1.16 3.11 -15.71
CA PHE B 47 2.38 2.39 -15.98
C PHE B 47 3.58 3.33 -15.88
N VAL B 48 4.66 2.83 -15.30
CA VAL B 48 5.92 3.57 -15.19
C VAL B 48 7.00 2.93 -16.06
N ALA B 49 7.32 1.67 -15.81
CA ALA B 49 8.33 0.96 -16.59
C ALA B 49 8.05 -0.54 -16.49
N GLY B 50 8.52 -1.28 -17.49
CA GLY B 50 8.36 -2.72 -17.51
C GLY B 50 9.53 -3.36 -18.22
N ILE B 51 9.71 -4.65 -17.96
CA ILE B 51 10.86 -5.39 -18.43
C ILE B 51 10.44 -6.84 -18.60
N ASN B 52 11.02 -7.51 -19.60
CA ASN B 52 10.67 -8.89 -19.85
C ASN B 52 11.56 -9.83 -19.05
N TRP B 53 11.28 -11.12 -19.15
CA TRP B 53 11.96 -12.06 -18.28
C TRP B 53 13.45 -12.15 -18.58
N SER B 54 13.85 -11.98 -19.84
CA SER B 54 15.26 -12.05 -20.18
C SER B 54 15.99 -10.74 -19.90
N GLY B 55 15.26 -9.69 -19.52
CA GLY B 55 15.87 -8.45 -19.07
C GLY B 55 16.42 -7.57 -20.16
N ASP B 56 16.19 -7.92 -21.43
CA ASP B 56 16.73 -7.22 -22.58
C ASP B 56 15.71 -6.40 -23.35
N MET B 57 14.43 -6.45 -22.98
CA MET B 57 13.42 -5.57 -23.55
C MET B 57 12.75 -4.81 -22.42
N THR B 58 12.62 -3.50 -22.59
CA THR B 58 12.06 -2.61 -21.59
C THR B 58 11.14 -1.61 -22.27
N ASP B 59 10.33 -0.92 -21.45
CA ASP B 59 9.50 0.18 -21.93
C ASP B 59 9.22 1.11 -20.77
N TYR B 60 8.85 2.34 -21.10
CA TYR B 60 8.69 3.38 -20.09
C TYR B 60 7.53 4.30 -20.47
N VAL B 61 6.89 4.87 -19.46
CA VAL B 61 6.01 5.99 -19.72
C VAL B 61 6.87 7.17 -20.18
N ASP B 62 6.34 7.98 -21.11
CA ASP B 62 7.20 8.99 -21.73
C ASP B 62 7.72 9.97 -20.69
N SER B 63 6.94 10.27 -19.66
CA SER B 63 7.32 11.30 -18.70
C SER B 63 8.54 10.93 -17.88
N VAL B 64 8.98 9.66 -17.90
CA VAL B 64 10.15 9.26 -17.13
C VAL B 64 11.32 8.84 -18.01
N LYS B 65 11.15 8.83 -19.34
CA LYS B 65 12.23 8.42 -20.22
C LYS B 65 13.44 9.34 -20.07
N GLY B 66 14.62 8.73 -19.96
CA GLY B 66 15.84 9.45 -19.72
C GLY B 66 16.16 9.72 -18.27
N ARG B 67 15.23 9.44 -17.35
CA ARG B 67 15.44 9.63 -15.93
C ARG B 67 15.42 8.33 -15.15
N PHE B 68 14.51 7.41 -15.51
CA PHE B 68 14.40 6.13 -14.85
C PHE B 68 14.96 5.01 -15.72
N THR B 69 15.52 3.98 -15.07
CA THR B 69 15.96 2.78 -15.78
C THR B 69 15.51 1.55 -15.01
N ILE B 70 14.86 0.61 -15.72
CA ILE B 70 14.45 -0.66 -15.13
C ILE B 70 15.44 -1.73 -15.57
N SER B 71 15.72 -2.69 -14.68
CA SER B 71 16.64 -3.77 -15.00
C SER B 71 16.25 -5.00 -14.18
N ARG B 72 16.78 -6.15 -14.57
CA ARG B 72 16.35 -7.43 -14.01
C ARG B 72 17.59 -8.26 -13.75
N ASP B 73 17.64 -8.88 -12.57
CA ASP B 73 18.73 -9.77 -12.15
C ASP B 73 18.08 -11.07 -11.71
N ASN B 74 17.92 -12.00 -12.63
CA ASN B 74 17.19 -13.23 -12.30
C ASN B 74 17.98 -14.13 -11.36
N ALA B 75 19.30 -14.00 -11.33
CA ALA B 75 20.06 -14.76 -10.35
C ALA B 75 19.68 -14.35 -8.94
N LYS B 76 19.23 -13.11 -8.75
CA LYS B 76 18.80 -12.61 -7.46
C LYS B 76 17.29 -12.41 -7.38
N ASN B 77 16.56 -12.89 -8.38
CA ASN B 77 15.10 -12.76 -8.46
C ASN B 77 14.63 -11.33 -8.25
N THR B 78 15.35 -10.38 -8.82
CA THR B 78 15.11 -8.98 -8.51
C THR B 78 14.92 -8.15 -9.76
N VAL B 79 13.96 -7.21 -9.70
CA VAL B 79 13.81 -6.15 -10.69
C VAL B 79 14.08 -4.83 -10.00
N TYR B 80 14.91 -3.99 -10.60
CA TYR B 80 15.26 -2.70 -10.04
C TYR B 80 14.67 -1.59 -10.89
N LEU B 81 14.32 -0.48 -10.24
CA LEU B 81 13.92 0.75 -10.93
C LEU B 81 14.80 1.88 -10.39
N GLU B 82 15.81 2.28 -11.17
CA GLU B 82 16.63 3.43 -10.80
C GLU B 82 15.90 4.70 -11.21
N MET B 83 15.67 5.59 -10.26
CA MET B 83 14.89 6.81 -10.48
CA MET B 83 14.89 6.81 -10.48
C MET B 83 15.80 8.01 -10.22
N ASN B 84 16.18 8.71 -11.28
CA ASN B 84 17.06 9.86 -11.19
C ASN B 84 16.30 11.14 -11.54
N SER B 85 16.88 12.27 -11.16
CA SER B 85 16.32 13.59 -11.48
C SER B 85 14.84 13.64 -11.11
N LEU B 86 14.55 13.21 -9.88
CA LEU B 86 13.16 13.11 -9.43
C LEU B 86 12.52 14.49 -9.35
N LYS B 87 11.24 14.54 -9.66
CA LYS B 87 10.44 15.74 -9.65
C LYS B 87 9.24 15.58 -8.71
N PRO B 88 8.69 16.69 -8.23
CA PRO B 88 7.50 16.58 -7.34
C PRO B 88 6.35 15.78 -7.95
N GLU B 89 6.13 15.90 -9.26
CA GLU B 89 5.05 15.16 -9.92
C GLU B 89 5.34 13.66 -9.98
N ASP B 90 6.53 13.22 -9.55
CA ASP B 90 6.80 11.80 -9.39
C ASP B 90 6.32 11.24 -8.05
N THR B 91 5.78 12.09 -7.17
CA THR B 91 5.24 11.61 -5.91
C THR B 91 4.03 10.74 -6.17
N ALA B 92 3.99 9.58 -5.53
CA ALA B 92 2.95 8.59 -5.73
C ALA B 92 3.26 7.33 -4.92
N ILE B 93 2.28 6.44 -4.76
CA ILE B 93 2.58 5.08 -4.35
C ILE B 93 2.99 4.30 -5.59
N TYR B 94 4.14 3.63 -5.50
CA TYR B 94 4.68 2.80 -6.57
C TYR B 94 4.43 1.33 -6.25
N TYR B 95 3.91 0.59 -7.22
CA TYR B 95 3.57 -0.81 -7.04
C TYR B 95 4.37 -1.67 -8.01
N CYS B 96 4.98 -2.72 -7.50
CA CYS B 96 5.58 -3.73 -8.35
C CYS B 96 4.48 -4.63 -8.92
N THR B 97 4.65 -5.03 -10.17
CA THR B 97 3.64 -5.86 -10.83
C THR B 97 4.33 -6.97 -11.62
N ALA B 98 3.57 -8.04 -11.85
CA ALA B 98 4.06 -9.19 -12.59
C ALA B 98 2.89 -9.82 -13.34
N ASP B 99 3.21 -10.45 -14.48
CA ASP B 99 2.15 -11.08 -15.25
C ASP B 99 2.75 -12.09 -16.21
N PRO B 100 2.06 -13.20 -16.48
CA PRO B 100 2.58 -14.18 -17.44
C PRO B 100 2.31 -13.89 -18.91
N LYS B 101 1.45 -12.92 -19.25
CA LYS B 101 0.92 -12.83 -20.60
C LYS B 101 1.92 -12.20 -21.55
N LEU B 102 1.99 -12.75 -22.77
CA LEU B 102 2.93 -12.26 -23.78
C LEU B 102 2.32 -11.10 -24.55
N LEU B 103 1.99 -10.05 -23.80
CA LEU B 103 1.55 -8.77 -24.32
C LEU B 103 2.66 -7.73 -24.20
N PRO B 104 2.50 -6.56 -24.80
CA PRO B 104 3.48 -5.48 -24.62
C PRO B 104 3.66 -5.13 -23.15
N LEU B 105 4.87 -4.69 -22.80
CA LEU B 105 5.17 -4.44 -21.39
C LEU B 105 4.27 -3.37 -20.79
N ALA B 106 3.85 -2.39 -21.59
CA ALA B 106 3.02 -1.28 -21.13
C ALA B 106 1.52 -1.58 -21.18
N ASP B 107 1.12 -2.77 -21.62
CA ASP B 107 -0.29 -3.13 -21.64
C ASP B 107 -0.79 -3.31 -20.20
N SER B 108 -1.93 -2.69 -19.89
CA SER B 108 -2.47 -2.71 -18.52
C SER B 108 -3.28 -3.99 -18.34
N SER B 109 -2.55 -5.11 -18.16
CA SER B 109 -3.21 -6.38 -17.94
C SER B 109 -2.46 -7.23 -16.92
N TYR B 110 -1.79 -6.57 -15.97
CA TYR B 110 -1.00 -7.27 -14.96
C TYR B 110 -1.92 -7.84 -13.89
N GLY B 111 -1.71 -9.10 -13.55
CA GLY B 111 -2.58 -9.80 -12.61
C GLY B 111 -2.06 -9.86 -11.20
N TYR B 112 -0.77 -9.58 -11.00
CA TYR B 112 -0.15 -9.66 -9.69
C TYR B 112 0.35 -8.27 -9.31
N TRP B 113 0.01 -7.82 -8.10
CA TRP B 113 0.25 -6.46 -7.65
C TRP B 113 0.89 -6.51 -6.28
N GLY B 114 1.93 -5.70 -6.08
CA GLY B 114 2.50 -5.56 -4.75
C GLY B 114 1.64 -4.64 -3.91
N GLN B 115 1.99 -4.55 -2.62
CA GLN B 115 1.24 -3.69 -1.70
C GLN B 115 1.61 -2.23 -1.85
N GLY B 116 2.77 -1.92 -2.43
CA GLY B 116 3.07 -0.54 -2.74
C GLY B 116 4.10 0.06 -1.80
N THR B 117 4.85 1.03 -2.31
CA THR B 117 5.83 1.75 -1.54
C THR B 117 5.70 3.24 -1.85
N GLN B 118 5.68 4.06 -0.82
CA GLN B 118 5.46 5.49 -0.99
C GLN B 118 6.74 6.16 -1.46
N VAL B 119 6.62 6.99 -2.48
CA VAL B 119 7.70 7.84 -2.96
C VAL B 119 7.23 9.28 -2.84
N THR B 120 7.95 10.07 -2.06
CA THR B 120 7.61 11.47 -1.85
C THR B 120 8.80 12.34 -2.25
N VAL B 121 8.59 13.20 -3.24
CA VAL B 121 9.63 14.08 -3.74
C VAL B 121 9.28 15.49 -3.27
N SER B 122 10.10 16.01 -2.36
CA SER B 122 9.87 17.32 -1.77
C SER B 122 10.50 18.41 -2.63
N SER B 123 9.84 19.55 -2.70
CA SER B 123 10.39 20.70 -3.41
C SER B 123 10.76 21.86 -2.49
N HIS B 124 10.34 21.82 -1.23
CA HIS B 124 10.57 22.93 -0.31
C HIS B 124 12.07 23.19 -0.13
N HIS B 125 12.37 24.36 0.45
CA HIS B 125 13.74 24.72 0.77
C HIS B 125 14.07 24.32 2.20
N GLN C 1 -5.76 -14.43 13.71
CA GLN C 1 -5.96 -14.29 15.15
C GLN C 1 -5.99 -12.82 15.56
N VAL C 2 -5.82 -11.92 14.59
CA VAL C 2 -5.94 -10.49 14.86
C VAL C 2 -7.41 -10.11 14.91
N GLN C 3 -7.89 -9.74 16.09
CA GLN C 3 -9.26 -9.28 16.27
C GLN C 3 -9.23 -7.82 16.74
N LEU C 4 -10.06 -6.99 16.08
CA LEU C 4 -10.20 -5.58 16.39
C LEU C 4 -11.53 -5.41 17.10
N GLN C 5 -11.50 -5.21 18.41
CA GLN C 5 -12.69 -5.22 19.25
C GLN C 5 -13.18 -3.79 19.49
N GLU C 6 -14.37 -3.50 18.96
CA GLU C 6 -14.90 -2.15 18.94
C GLU C 6 -15.98 -1.98 20.00
N SER C 7 -16.00 -0.80 20.61
CA SER C 7 -16.96 -0.49 21.67
C SER C 7 -17.11 1.02 21.74
N GLY C 8 -18.16 1.46 22.43
CA GLY C 8 -18.35 2.86 22.72
C GLY C 8 -19.44 3.54 21.93
N GLY C 9 -20.03 2.86 20.95
CA GLY C 9 -21.07 3.46 20.16
C GLY C 9 -22.40 3.49 20.90
N GLY C 10 -23.41 3.95 20.19
CA GLY C 10 -24.76 3.99 20.73
C GLY C 10 -25.52 5.21 20.22
N LEU C 11 -26.51 5.61 21.01
CA LEU C 11 -27.41 6.71 20.69
C LEU C 11 -26.98 7.96 21.45
N VAL C 12 -26.99 9.10 20.77
CA VAL C 12 -26.54 10.35 21.36
C VAL C 12 -27.28 11.50 20.68
N GLN C 13 -27.63 12.50 21.47
CA GLN C 13 -28.24 13.70 20.92
C GLN C 13 -27.21 14.51 20.13
N ALA C 14 -27.69 15.15 19.06
CA ALA C 14 -26.84 16.09 18.33
C ALA C 14 -26.22 17.09 19.29
N GLY C 15 -24.95 17.40 19.07
CA GLY C 15 -24.18 18.23 19.98
C GLY C 15 -23.48 17.45 21.07
N GLY C 16 -23.87 16.20 21.30
CA GLY C 16 -23.29 15.37 22.33
C GLY C 16 -21.99 14.75 21.89
N SER C 17 -21.50 13.84 22.71
CA SER C 17 -20.18 13.25 22.52
CA SER C 17 -20.18 13.25 22.52
C SER C 17 -20.21 11.75 22.83
N LEU C 18 -19.31 11.04 22.15
CA LEU C 18 -19.06 9.63 22.39
C LEU C 18 -17.56 9.41 22.29
N ARG C 19 -17.10 8.28 22.83
CA ARG C 19 -15.73 7.83 22.67
C ARG C 19 -15.71 6.40 22.18
N LEU C 20 -15.26 6.20 20.94
CA LEU C 20 -15.09 4.84 20.44
C LEU C 20 -13.73 4.29 20.85
N SER C 21 -13.70 2.99 21.10
CA SER C 21 -12.48 2.28 21.48
CA SER C 21 -12.48 2.28 21.48
C SER C 21 -12.28 1.09 20.57
N CYS C 22 -11.03 0.81 20.21
CA CYS C 22 -10.67 -0.34 19.41
C CYS C 22 -9.50 -1.05 20.09
N VAL C 23 -9.75 -2.27 20.55
CA VAL C 23 -8.75 -3.02 21.29
C VAL C 23 -8.25 -4.19 20.44
N VAL C 24 -6.95 -4.42 20.47
CA VAL C 24 -6.35 -5.58 19.81
C VAL C 24 -5.79 -6.49 20.89
N PRO C 25 -6.50 -7.54 21.29
CA PRO C 25 -5.98 -8.45 22.31
C PRO C 25 -4.80 -9.26 21.81
N GLY C 26 -3.95 -9.65 22.76
CA GLY C 26 -2.81 -10.51 22.45
C GLY C 26 -1.58 -9.72 22.09
N ILE C 29 2.64 -6.65 17.67
CA ILE C 29 3.96 -6.18 17.25
C ILE C 29 3.94 -5.95 15.75
N SER C 30 3.00 -6.62 15.07
CA SER C 30 2.88 -6.55 13.62
C SER C 30 2.19 -5.31 13.07
N LEU C 31 1.43 -4.58 13.89
CA LEU C 31 0.55 -3.54 13.38
C LEU C 31 1.11 -2.12 13.53
N TYR C 32 1.46 -1.52 12.40
CA TYR C 32 2.06 -0.19 12.36
C TYR C 32 1.07 0.96 12.19
N ARG C 33 -0.08 0.78 11.51
CA ARG C 33 -1.09 1.84 11.46
C ARG C 33 -2.47 1.31 11.82
N MET C 34 -3.31 2.21 12.36
CA MET C 34 -4.69 1.91 12.71
C MET C 34 -5.56 3.12 12.40
N GLY C 35 -6.85 2.88 12.19
CA GLY C 35 -7.72 3.97 11.83
C GLY C 35 -9.19 3.66 12.02
N TRP C 36 -10.00 4.61 11.59
CA TRP C 36 -11.45 4.48 11.66
C TRP C 36 -12.03 4.89 10.32
N PHE C 37 -12.94 4.05 9.83
CA PHE C 37 -13.73 4.30 8.62
C PHE C 37 -15.19 4.26 9.02
N ARG C 38 -16.07 4.81 8.19
CA ARG C 38 -17.50 4.75 8.50
C ARG C 38 -18.34 4.60 7.24
N GLN C 39 -19.50 3.96 7.41
CA GLN C 39 -20.49 3.86 6.35
C GLN C 39 -21.90 3.81 6.92
N ALA C 40 -22.77 4.65 6.37
CA ALA C 40 -24.20 4.56 6.65
C ALA C 40 -24.93 3.91 5.48
N PRO C 41 -26.04 3.20 5.71
CA PRO C 41 -26.78 2.64 4.58
C PRO C 41 -27.10 3.74 3.58
N GLY C 42 -26.95 3.44 2.29
CA GLY C 42 -27.23 4.42 1.27
C GLY C 42 -26.17 5.47 1.07
N LYS C 43 -25.01 5.34 1.72
CA LYS C 43 -23.88 6.24 1.55
C LYS C 43 -22.63 5.40 1.35
N GLU C 44 -21.58 6.04 0.84
CA GLU C 44 -20.33 5.33 0.58
C GLU C 44 -19.50 5.21 1.85
N ARG C 45 -18.67 4.17 1.90
CA ARG C 45 -17.66 4.07 2.96
C ARG C 45 -16.70 5.25 2.89
N GLU C 46 -16.17 5.62 4.05
CA GLU C 46 -15.35 6.82 4.17
C GLU C 46 -14.28 6.64 5.24
N PHE C 47 -13.06 7.06 4.91
CA PHE C 47 -12.00 7.22 5.90
C PHE C 47 -12.42 8.32 6.87
N VAL C 48 -12.20 8.09 8.16
CA VAL C 48 -12.50 9.08 9.20
C VAL C 48 -11.22 9.61 9.85
N ALA C 49 -10.40 8.72 10.41
CA ALA C 49 -9.16 9.13 11.05
C ALA C 49 -8.18 7.97 11.07
N GLY C 50 -6.88 8.31 11.18
CA GLY C 50 -5.85 7.30 11.27
C GLY C 50 -4.67 7.76 12.10
N ILE C 51 -3.90 6.80 12.58
CA ILE C 51 -2.81 7.07 13.51
C ILE C 51 -1.75 6.00 13.33
N ASN C 52 -0.47 6.39 13.52
CA ASN C 52 0.60 5.43 13.35
C ASN C 52 0.80 4.71 14.68
N TRP C 53 1.70 3.72 14.69
CA TRP C 53 1.79 2.84 15.84
C TRP C 53 2.26 3.58 17.10
N SER C 54 3.15 4.56 16.93
CA SER C 54 3.68 5.30 18.05
C SER C 54 2.77 6.47 18.45
N GLY C 55 1.74 6.75 17.67
CA GLY C 55 0.79 7.79 18.06
C GLY C 55 1.25 9.20 17.79
N ASP C 56 2.32 9.39 17.04
CA ASP C 56 2.87 10.72 16.83
C ASP C 56 2.47 11.30 15.48
N MET C 57 1.79 10.52 14.63
CA MET C 57 1.28 10.98 13.35
C MET C 57 -0.20 10.61 13.24
N THR C 58 -1.02 11.57 12.83
CA THR C 58 -2.46 11.35 12.69
C THR C 58 -2.92 11.99 11.39
N ASP C 59 -4.12 11.61 10.96
CA ASP C 59 -4.75 12.27 9.82
C ASP C 59 -6.26 12.10 9.95
N TYR C 60 -7.00 13.01 9.31
CA TYR C 60 -8.44 13.07 9.49
C TYR C 60 -9.11 13.47 8.18
N VAL C 61 -10.33 12.98 7.97
CA VAL C 61 -11.16 13.54 6.90
C VAL C 61 -11.56 14.96 7.32
N ASP C 62 -11.63 15.87 6.36
CA ASP C 62 -11.75 17.28 6.71
C ASP C 62 -13.03 17.54 7.51
N SER C 63 -14.10 16.79 7.23
CA SER C 63 -15.41 17.05 7.82
C SER C 63 -15.45 16.79 9.33
N VAL C 64 -14.43 16.16 9.91
CA VAL C 64 -14.40 15.94 11.35
C VAL C 64 -13.29 16.72 12.04
N LYS C 65 -12.47 17.43 11.28
CA LYS C 65 -11.39 18.21 11.89
C LYS C 65 -11.98 19.24 12.84
N GLY C 66 -11.42 19.32 14.05
CA GLY C 66 -11.94 20.17 15.07
C GLY C 66 -13.05 19.56 15.91
N ARG C 67 -13.52 18.37 15.56
CA ARG C 67 -14.53 17.66 16.35
C ARG C 67 -14.08 16.31 16.85
N PHE C 68 -13.41 15.50 16.02
CA PHE C 68 -12.93 14.19 16.42
C PHE C 68 -11.43 14.25 16.70
N THR C 69 -10.98 13.45 17.65
CA THR C 69 -9.55 13.31 17.94
C THR C 69 -9.24 11.83 18.06
N ILE C 70 -8.21 11.37 17.35
CA ILE C 70 -7.78 9.97 17.44
C ILE C 70 -6.55 9.94 18.32
N SER C 71 -6.45 8.90 19.15
CA SER C 71 -5.35 8.75 20.08
C SER C 71 -5.16 7.27 20.36
N ARG C 72 -4.05 6.97 21.03
CA ARG C 72 -3.62 5.60 21.23
C ARG C 72 -2.98 5.41 22.59
N ASP C 73 -3.25 4.25 23.20
CA ASP C 73 -2.60 3.84 24.44
C ASP C 73 -2.00 2.46 24.14
N ASN C 74 -0.70 2.40 23.83
CA ASN C 74 -0.11 1.12 23.43
C ASN C 74 0.06 0.14 24.58
N ALA C 75 0.09 0.60 25.84
CA ALA C 75 0.12 -0.33 26.96
C ALA C 75 -1.18 -1.15 27.00
N LYS C 76 -2.26 -0.61 26.46
CA LYS C 76 -3.56 -1.27 26.44
C LYS C 76 -3.95 -1.74 25.04
N ASN C 77 -3.05 -1.66 24.06
CA ASN C 77 -3.35 -2.08 22.70
C ASN C 77 -4.65 -1.46 22.19
N THR C 78 -4.87 -0.19 22.53
CA THR C 78 -6.17 0.43 22.30
C THR C 78 -6.01 1.74 21.55
N VAL C 79 -6.83 1.94 20.53
CA VAL C 79 -6.92 3.20 19.79
C VAL C 79 -8.28 3.80 20.08
N TYR C 80 -8.29 5.10 20.39
CA TYR C 80 -9.52 5.80 20.72
C TYR C 80 -9.91 6.76 19.62
N LEU C 81 -11.22 6.95 19.47
CA LEU C 81 -11.78 8.00 18.63
C LEU C 81 -12.72 8.80 19.53
N GLU C 82 -12.27 9.97 19.97
CA GLU C 82 -13.14 10.88 20.72
C GLU C 82 -13.96 11.70 19.73
N MET C 83 -15.29 11.65 19.86
CA MET C 83 -16.21 12.33 18.96
C MET C 83 -16.99 13.38 19.75
N ASN C 84 -16.74 14.65 19.46
CA ASN C 84 -17.45 15.77 20.05
C ASN C 84 -18.28 16.48 19.00
N SER C 85 -19.26 17.27 19.47
CA SER C 85 -20.11 18.06 18.59
C SER C 85 -20.69 17.18 17.48
N LEU C 86 -21.27 16.06 17.88
CA LEU C 86 -21.80 15.11 16.91
C LEU C 86 -22.94 15.74 16.12
N LYS C 87 -23.00 15.41 14.84
CA LYS C 87 -24.02 15.90 13.94
C LYS C 87 -24.78 14.72 13.34
N PRO C 88 -26.03 14.94 12.91
CA PRO C 88 -26.81 13.84 12.32
C PRO C 88 -26.08 13.15 11.18
N GLU C 89 -25.31 13.91 10.40
CA GLU C 89 -24.53 13.36 9.31
C GLU C 89 -23.38 12.48 9.77
N ASP C 90 -23.13 12.42 11.08
CA ASP C 90 -22.17 11.47 11.65
C ASP C 90 -22.77 10.10 11.95
N THR C 91 -24.08 9.92 11.78
CA THR C 91 -24.70 8.62 12.00
C THR C 91 -24.15 7.62 11.00
N ALA C 92 -23.72 6.46 11.49
CA ALA C 92 -23.10 5.48 10.62
C ALA C 92 -22.60 4.31 11.45
N ILE C 93 -22.24 3.24 10.75
CA ILE C 93 -21.41 2.20 11.35
C ILE C 93 -19.97 2.66 11.28
N TYR C 94 -19.27 2.62 12.40
CA TYR C 94 -17.86 2.99 12.48
C TYR C 94 -17.02 1.73 12.63
N TYR C 95 -15.97 1.62 11.81
CA TYR C 95 -15.14 0.42 11.77
C TYR C 95 -13.70 0.77 12.17
N CYS C 96 -13.15 -0.01 13.08
CA CYS C 96 -11.73 0.03 13.35
C CYS C 96 -10.97 -0.76 12.29
N THR C 97 -9.79 -0.26 11.89
CA THR C 97 -8.95 -0.91 10.89
C THR C 97 -7.51 -0.88 11.38
N ALA C 98 -6.71 -1.82 10.88
CA ALA C 98 -5.31 -1.94 11.26
C ALA C 98 -4.54 -2.54 10.09
N ASP C 99 -3.24 -2.25 10.03
CA ASP C 99 -2.45 -2.75 8.91
C ASP C 99 -0.97 -2.72 9.30
N PRO C 100 -0.18 -3.69 8.83
CA PRO C 100 1.26 -3.66 9.11
C PRO C 100 2.04 -2.77 8.15
N LYS C 101 1.46 -2.35 7.03
CA LYS C 101 2.14 -1.52 6.04
CA LYS C 101 2.15 -1.53 6.05
C LYS C 101 2.07 -0.06 6.48
N LEU C 102 3.22 0.58 6.64
CA LEU C 102 3.23 1.99 7.02
C LEU C 102 3.20 2.86 5.76
N LEU C 103 2.06 2.77 5.08
CA LEU C 103 1.70 3.65 3.98
C LEU C 103 0.98 4.84 4.60
N PRO C 104 0.65 5.86 3.82
CA PRO C 104 -0.08 7.01 4.41
C PRO C 104 -1.33 6.54 5.14
N LEU C 105 -1.64 7.24 6.23
CA LEU C 105 -2.71 6.80 7.13
C LEU C 105 -4.06 6.77 6.43
N ALA C 106 -4.29 7.66 5.48
CA ALA C 106 -5.56 7.72 4.78
C ALA C 106 -5.61 6.82 3.54
N ASP C 107 -4.52 6.15 3.20
CA ASP C 107 -4.57 5.22 2.06
C ASP C 107 -5.42 4.03 2.47
N SER C 108 -6.47 3.76 1.70
CA SER C 108 -7.46 2.74 2.08
CA SER C 108 -7.45 2.75 2.08
C SER C 108 -6.97 1.37 1.62
N SER C 109 -5.87 0.94 2.24
CA SER C 109 -5.24 -0.34 1.97
C SER C 109 -5.11 -1.16 3.25
N TYR C 110 -6.04 -0.96 4.17
CA TYR C 110 -5.99 -1.67 5.44
C TYR C 110 -6.51 -3.08 5.29
N GLY C 111 -5.76 -4.03 5.83
CA GLY C 111 -6.11 -5.43 5.63
C GLY C 111 -6.93 -6.02 6.76
N TYR C 112 -6.96 -5.36 7.91
CA TYR C 112 -7.67 -5.87 9.07
C TYR C 112 -8.79 -4.92 9.45
N TRP C 113 -9.98 -5.48 9.63
CA TRP C 113 -11.21 -4.73 9.83
C TRP C 113 -12.00 -5.32 10.99
N GLY C 114 -12.55 -4.44 11.82
CA GLY C 114 -13.48 -4.83 12.84
C GLY C 114 -14.85 -5.08 12.24
N GLN C 115 -15.78 -5.50 13.11
CA GLN C 115 -17.15 -5.77 12.67
C GLN C 115 -17.99 -4.51 12.58
N GLY C 116 -17.63 -3.46 13.30
CA GLY C 116 -18.33 -2.20 13.26
C GLY C 116 -19.14 -1.97 14.52
N THR C 117 -19.31 -0.70 14.86
CA THR C 117 -20.06 -0.26 16.02
C THR C 117 -20.97 0.88 15.57
N GLN C 118 -22.24 0.81 15.94
CA GLN C 118 -23.21 1.77 15.47
C GLN C 118 -23.17 3.06 16.26
N VAL C 119 -23.21 4.18 15.55
CA VAL C 119 -23.36 5.50 16.13
C VAL C 119 -24.60 6.13 15.51
N THR C 120 -25.58 6.46 16.36
CA THR C 120 -26.82 7.10 15.90
C THR C 120 -26.94 8.45 16.59
N VAL C 121 -27.01 9.51 15.80
CA VAL C 121 -27.07 10.87 16.33
C VAL C 121 -28.48 11.41 16.10
N SER C 122 -29.22 11.60 17.18
CA SER C 122 -30.60 12.08 17.12
C SER C 122 -30.67 13.60 17.12
N SER C 123 -31.59 14.14 16.32
CA SER C 123 -31.82 15.58 16.30
C SER C 123 -33.22 15.97 16.77
N GLN D 1 14.10 23.63 10.47
CA GLN D 1 14.56 23.66 9.09
C GLN D 1 15.55 22.54 8.82
N VAL D 2 15.96 21.82 9.86
CA VAL D 2 16.78 20.63 9.68
C VAL D 2 15.83 19.49 9.36
N GLN D 3 15.91 18.97 8.14
CA GLN D 3 15.07 17.88 7.68
C GLN D 3 15.96 16.67 7.43
N LEU D 4 15.57 15.53 7.99
CA LEU D 4 16.28 14.27 7.79
C LEU D 4 15.39 13.40 6.90
N GLN D 5 15.77 13.30 5.63
CA GLN D 5 14.97 12.61 4.62
C GLN D 5 15.45 11.16 4.49
N GLU D 6 14.58 10.22 4.88
CA GLU D 6 14.91 8.81 4.98
C GLU D 6 14.28 8.03 3.82
N SER D 7 15.02 7.03 3.35
CA SER D 7 14.57 6.19 2.24
C SER D 7 15.32 4.87 2.31
N GLY D 8 14.82 3.89 1.55
CA GLY D 8 15.52 2.63 1.36
C GLY D 8 14.94 1.45 2.09
N GLY D 9 13.96 1.64 2.97
CA GLY D 9 13.37 0.54 3.70
C GLY D 9 12.42 -0.26 2.84
N GLY D 10 11.79 -1.23 3.47
CA GLY D 10 10.78 -2.06 2.80
C GLY D 10 10.82 -3.48 3.31
N LEU D 11 10.36 -4.40 2.46
CA LEU D 11 10.26 -5.81 2.77
C LEU D 11 11.42 -6.56 2.12
N VAL D 12 12.00 -7.50 2.86
CA VAL D 12 13.15 -8.26 2.37
C VAL D 12 13.13 -9.64 3.02
N GLN D 13 13.48 -10.65 2.23
CA GLN D 13 13.66 -12.00 2.75
C GLN D 13 14.88 -12.05 3.66
N ALA D 14 14.77 -12.81 4.74
CA ALA D 14 15.92 -13.04 5.61
C ALA D 14 17.11 -13.52 4.79
N GLY D 15 18.30 -13.01 5.15
CA GLY D 15 19.50 -13.23 4.37
C GLY D 15 19.76 -12.21 3.29
N GLY D 16 18.74 -11.42 2.94
CA GLY D 16 18.87 -10.41 1.91
C GLY D 16 19.49 -9.13 2.45
N SER D 17 19.42 -8.09 1.61
CA SER D 17 20.11 -6.84 1.90
CA SER D 17 20.11 -6.84 1.89
C SER D 17 19.19 -5.66 1.61
N LEU D 18 19.46 -4.56 2.30
CA LEU D 18 18.87 -3.26 2.01
C LEU D 18 19.94 -2.19 2.22
N ARG D 19 19.70 -1.00 1.67
CA ARG D 19 20.54 0.16 1.96
C ARG D 19 19.62 1.33 2.31
N LEU D 20 19.71 1.79 3.55
CA LEU D 20 19.00 2.97 3.98
C LEU D 20 19.80 4.23 3.66
N SER D 21 19.09 5.33 3.44
CA SER D 21 19.71 6.59 3.09
C SER D 21 19.06 7.70 3.90
N CYS D 22 19.88 8.62 4.38
CA CYS D 22 19.41 9.78 5.13
C CYS D 22 20.05 11.03 4.54
N VAL D 23 19.25 11.89 3.95
CA VAL D 23 19.74 13.09 3.29
C VAL D 23 19.34 14.32 4.10
N VAL D 24 20.27 15.26 4.22
CA VAL D 24 20.01 16.52 4.90
C VAL D 24 20.02 17.60 3.82
N PRO D 25 18.86 18.00 3.31
CA PRO D 25 18.85 19.06 2.29
C PRO D 25 19.24 20.40 2.86
N GLY D 26 19.86 21.22 2.01
CA GLY D 26 20.18 22.58 2.39
C GLY D 26 21.52 22.71 3.08
N ARG D 27 21.76 23.92 3.57
CA ARG D 27 22.94 24.20 4.40
C ARG D 27 22.67 23.83 5.85
N THR D 28 21.71 24.51 6.47
CA THR D 28 21.28 24.28 7.85
C THR D 28 22.42 24.48 8.85
N ILE D 29 22.14 24.16 10.12
CA ILE D 29 23.19 24.20 11.14
C ILE D 29 24.18 23.06 10.90
N SER D 30 25.38 23.23 11.45
CA SER D 30 26.43 22.24 11.31
C SER D 30 26.15 21.04 12.23
N LEU D 31 26.06 19.87 11.62
CA LEU D 31 25.75 18.60 12.27
C LEU D 31 27.04 17.79 12.36
N TYR D 32 27.57 17.63 13.56
CA TYR D 32 28.85 16.97 13.72
C TYR D 32 28.75 15.44 13.78
N ARG D 33 27.63 14.86 14.23
CA ARG D 33 27.47 13.41 14.18
C ARG D 33 26.08 13.07 13.64
N MET D 34 25.99 11.87 13.06
CA MET D 34 24.74 11.34 12.55
C MET D 34 24.69 9.83 12.82
N GLY D 35 23.48 9.29 12.90
CA GLY D 35 23.39 7.88 13.22
C GLY D 35 22.06 7.30 12.82
N TRP D 36 21.89 6.04 13.17
CA TRP D 36 20.66 5.30 12.92
C TRP D 36 20.26 4.62 14.22
N PHE D 37 18.99 4.75 14.57
CA PHE D 37 18.41 4.06 15.71
C PHE D 37 17.26 3.22 15.19
N ARG D 38 16.83 2.25 15.98
CA ARG D 38 15.69 1.46 15.54
C ARG D 38 14.82 1.05 16.72
N GLN D 39 13.52 0.90 16.43
CA GLN D 39 12.59 0.36 17.41
C GLN D 39 11.49 -0.45 16.73
N ALA D 40 11.28 -1.67 17.23
CA ALA D 40 10.10 -2.43 16.84
C ALA D 40 9.05 -2.36 17.93
N PRO D 41 7.76 -2.41 17.58
CA PRO D 41 6.73 -2.40 18.63
C PRO D 41 6.97 -3.51 19.64
N GLY D 42 6.78 -3.20 20.92
CA GLY D 42 6.98 -4.18 21.96
C GLY D 42 8.43 -4.45 22.31
N LYS D 43 9.36 -3.67 21.74
CA LYS D 43 10.78 -3.81 22.01
C LYS D 43 11.35 -2.43 22.31
N GLU D 44 12.56 -2.42 22.87
CA GLU D 44 13.18 -1.15 23.24
C GLU D 44 13.81 -0.48 22.02
N ARG D 45 13.82 0.84 22.03
CA ARG D 45 14.62 1.58 21.08
C ARG D 45 16.09 1.26 21.29
N GLU D 46 16.87 1.34 20.20
CA GLU D 46 18.21 0.82 20.22
C GLU D 46 19.08 1.61 19.26
N PHE D 47 20.27 1.97 19.71
CA PHE D 47 21.30 2.49 18.81
C PHE D 47 21.69 1.40 17.82
N VAL D 48 21.86 1.78 16.56
CA VAL D 48 22.31 0.85 15.52
C VAL D 48 23.72 1.19 15.04
N ALA D 49 23.91 2.40 14.50
CA ALA D 49 25.21 2.80 13.98
C ALA D 49 25.30 4.32 13.98
N GLY D 50 26.54 4.81 14.01
CA GLY D 50 26.79 6.24 13.97
C GLY D 50 28.09 6.57 13.27
N ILE D 51 28.20 7.84 12.87
CA ILE D 51 29.34 8.30 12.08
C ILE D 51 29.54 9.78 12.36
N ASN D 52 30.81 10.23 12.38
CA ASN D 52 31.06 11.65 12.60
C ASN D 52 30.98 12.36 11.25
N TRP D 53 31.09 13.68 11.27
CA TRP D 53 30.77 14.45 10.06
C TRP D 53 31.75 14.16 8.92
N SER D 54 33.02 13.90 9.24
CA SER D 54 34.04 13.63 8.24
C SER D 54 34.11 12.15 7.85
N GLY D 55 33.38 11.27 8.52
CA GLY D 55 33.30 9.87 8.14
C GLY D 55 34.42 8.97 8.59
N ASP D 56 35.33 9.47 9.43
CA ASP D 56 36.49 8.70 9.82
C ASP D 56 36.31 8.00 11.16
N MET D 57 35.20 8.25 11.84
CA MET D 57 34.87 7.55 13.08
C MET D 57 33.47 6.97 12.94
N THR D 58 33.32 5.71 13.31
CA THR D 58 32.04 5.01 13.26
C THR D 58 31.90 4.18 14.52
N ASP D 59 30.67 3.76 14.82
CA ASP D 59 30.44 2.80 15.90
C ASP D 59 29.15 2.05 15.61
N TYR D 60 29.01 0.88 16.23
CA TYR D 60 27.92 -0.02 15.92
C TYR D 60 27.48 -0.76 17.18
N VAL D 61 26.18 -1.09 17.23
CA VAL D 61 25.70 -2.05 18.22
C VAL D 61 26.25 -3.42 17.85
N ASP D 62 26.58 -4.23 18.87
CA ASP D 62 27.35 -5.45 18.60
C ASP D 62 26.61 -6.40 17.66
N SER D 63 25.28 -6.45 17.76
CA SER D 63 24.46 -7.40 17.02
C SER D 63 24.43 -7.15 15.51
N VAL D 64 24.95 -6.02 15.05
CA VAL D 64 25.01 -5.75 13.62
C VAL D 64 26.43 -5.73 13.09
N LYS D 65 27.44 -5.84 13.96
CA LYS D 65 28.83 -5.82 13.51
C LYS D 65 29.07 -6.97 12.54
N GLY D 66 29.74 -6.67 11.43
CA GLY D 66 29.97 -7.64 10.39
C GLY D 66 28.84 -7.79 9.41
N ARG D 67 27.69 -7.17 9.67
CA ARG D 67 26.54 -7.23 8.76
C ARG D 67 26.14 -5.86 8.24
N PHE D 68 26.15 -4.83 9.08
CA PHE D 68 25.79 -3.47 8.68
C PHE D 68 27.05 -2.61 8.56
N THR D 69 27.03 -1.66 7.63
CA THR D 69 28.10 -0.69 7.48
C THR D 69 27.52 0.70 7.29
N ILE D 70 28.00 1.68 8.06
CA ILE D 70 27.58 3.07 7.90
C ILE D 70 28.66 3.82 7.15
N SER D 71 28.25 4.75 6.28
CA SER D 71 29.17 5.54 5.49
C SER D 71 28.48 6.83 5.09
N ARG D 72 29.26 7.77 4.55
CA ARG D 72 28.82 9.13 4.29
C ARG D 72 29.40 9.68 2.99
N ASP D 73 28.58 10.44 2.25
CA ASP D 73 29.00 11.15 1.04
C ASP D 73 28.62 12.61 1.27
N ASN D 74 29.59 13.41 1.74
CA ASN D 74 29.31 14.79 2.12
C ASN D 74 29.05 15.70 0.93
N ALA D 75 29.47 15.29 -0.26
CA ALA D 75 29.08 16.05 -1.45
C ALA D 75 27.57 15.98 -1.67
N LYS D 76 26.93 14.90 -1.20
CA LYS D 76 25.50 14.70 -1.37
C LYS D 76 24.72 14.84 -0.07
N ASN D 77 25.34 15.33 1.01
CA ASN D 77 24.67 15.50 2.30
C ASN D 77 23.95 14.23 2.74
N THR D 78 24.57 13.07 2.49
CA THR D 78 23.89 11.79 2.67
C THR D 78 24.69 10.85 3.54
N VAL D 79 24.00 10.18 4.46
CA VAL D 79 24.57 9.07 5.24
C VAL D 79 23.85 7.79 4.82
N TYR D 80 24.63 6.72 4.61
CA TYR D 80 24.10 5.43 4.18
C TYR D 80 24.22 4.40 5.29
N LEU D 81 23.28 3.46 5.33
CA LEU D 81 23.39 2.27 6.17
C LEU D 81 23.20 1.06 5.24
N GLU D 82 24.30 0.39 4.89
CA GLU D 82 24.22 -0.84 4.11
C GLU D 82 23.93 -2.00 5.05
N MET D 83 22.83 -2.70 4.80
CA MET D 83 22.35 -3.76 5.68
C MET D 83 22.42 -5.09 4.94
N ASN D 84 23.34 -5.95 5.36
CA ASN D 84 23.53 -7.25 4.78
C ASN D 84 23.17 -8.35 5.77
N SER D 85 22.93 -9.56 5.23
CA SER D 85 22.62 -10.74 6.03
C SER D 85 21.50 -10.43 7.03
N LEU D 86 20.45 -9.79 6.54
CA LEU D 86 19.37 -9.35 7.42
C LEU D 86 18.70 -10.56 8.08
N LYS D 87 18.31 -10.38 9.33
CA LYS D 87 17.66 -11.40 10.13
C LYS D 87 16.28 -10.92 10.53
N PRO D 88 15.36 -11.83 10.86
CA PRO D 88 14.02 -11.40 11.28
C PRO D 88 14.02 -10.40 12.42
N GLU D 89 14.96 -10.53 13.38
CA GLU D 89 15.01 -9.60 14.49
C GLU D 89 15.51 -8.21 14.10
N ASP D 90 15.88 -7.99 12.84
CA ASP D 90 16.19 -6.66 12.34
C ASP D 90 14.95 -5.90 11.92
N THR D 91 13.77 -6.54 11.96
CA THR D 91 12.54 -5.85 11.65
C THR D 91 12.31 -4.74 12.65
N ALA D 92 12.02 -3.54 12.15
CA ALA D 92 11.84 -2.37 13.00
C ALA D 92 11.65 -1.12 12.15
N ILE D 93 11.21 -0.03 12.78
CA ILE D 93 11.32 1.29 12.18
C ILE D 93 12.75 1.78 12.42
N TYR D 94 13.40 2.23 11.34
CA TYR D 94 14.76 2.77 11.46
C TYR D 94 14.71 4.28 11.35
N TYR D 95 15.39 4.96 12.27
CA TYR D 95 15.37 6.42 12.31
C TYR D 95 16.77 6.97 12.07
N CYS D 96 16.85 7.94 11.17
CA CYS D 96 18.05 8.76 11.05
C CYS D 96 18.05 9.86 12.10
N THR D 97 19.24 10.13 12.66
CA THR D 97 19.39 11.15 13.70
C THR D 97 20.64 11.98 13.40
N ALA D 98 20.68 13.20 13.94
CA ALA D 98 21.81 14.11 13.72
C ALA D 98 21.96 15.02 14.94
N ASP D 99 23.18 15.51 15.17
CA ASP D 99 23.41 16.32 16.36
C ASP D 99 24.63 17.19 16.16
N PRO D 100 24.63 18.41 16.70
CA PRO D 100 25.81 19.27 16.61
C PRO D 100 26.86 18.99 17.67
N LYS D 101 26.53 18.24 18.71
CA LYS D 101 27.47 17.92 19.78
C LYS D 101 28.32 16.72 19.38
N LEU D 102 29.63 16.84 19.50
CA LEU D 102 30.50 15.72 19.18
C LEU D 102 30.81 14.92 20.45
N LEU D 103 29.78 14.27 20.93
CA LEU D 103 29.86 13.28 21.99
C LEU D 103 30.06 11.91 21.36
N PRO D 104 30.30 10.87 22.14
CA PRO D 104 30.46 9.54 21.54
C PRO D 104 29.28 9.19 20.64
N LEU D 105 29.57 8.53 19.52
CA LEU D 105 28.57 8.28 18.50
C LEU D 105 27.40 7.46 19.03
N ALA D 106 27.66 6.57 19.98
CA ALA D 106 26.64 5.71 20.53
C ALA D 106 25.89 6.36 21.69
N ASP D 107 26.27 7.57 22.10
CA ASP D 107 25.56 8.25 23.16
C ASP D 107 24.23 8.78 22.64
N SER D 108 23.14 8.36 23.29
CA SER D 108 21.78 8.65 22.81
C SER D 108 21.35 10.03 23.34
N SER D 109 22.00 11.04 22.75
CA SER D 109 21.77 12.45 23.06
C SER D 109 21.56 13.23 21.77
N TYR D 110 21.00 12.58 20.74
CA TYR D 110 20.79 13.20 19.45
C TYR D 110 19.54 14.07 19.45
N GLY D 111 19.69 15.31 18.95
CA GLY D 111 18.58 16.24 19.02
C GLY D 111 17.69 16.29 17.82
N TYR D 112 18.13 15.72 16.70
CA TYR D 112 17.36 15.74 15.46
C TYR D 112 17.04 14.32 15.04
N TRP D 113 15.77 14.07 14.72
CA TRP D 113 15.23 12.75 14.44
C TRP D 113 14.40 12.80 13.16
N GLY D 114 14.59 11.80 12.31
CA GLY D 114 13.74 11.62 11.16
C GLY D 114 12.41 11.01 11.55
N GLN D 115 11.55 10.87 10.54
CA GLN D 115 10.24 10.27 10.81
C GLN D 115 10.28 8.75 10.88
N GLY D 116 11.29 8.13 10.27
CA GLY D 116 11.48 6.69 10.31
C GLY D 116 11.14 6.06 8.97
N THR D 117 11.81 4.94 8.68
CA THR D 117 11.56 4.16 7.47
C THR D 117 11.45 2.71 7.91
N GLN D 118 10.40 2.04 7.45
CA GLN D 118 10.09 0.69 7.91
C GLN D 118 10.95 -0.35 7.20
N VAL D 119 11.49 -1.27 7.98
CA VAL D 119 12.22 -2.43 7.47
C VAL D 119 11.53 -3.66 8.01
N THR D 120 11.07 -4.54 7.11
CA THR D 120 10.42 -5.78 7.51
C THR D 120 11.18 -6.95 6.91
N VAL D 121 11.65 -7.85 7.77
CA VAL D 121 12.45 -9.00 7.34
C VAL D 121 11.59 -10.26 7.46
N SER D 122 11.23 -10.83 6.32
CA SER D 122 10.37 -12.01 6.29
C SER D 122 11.20 -13.29 6.38
N SER D 123 10.67 -14.27 7.11
CA SER D 123 11.28 -15.59 7.18
C SER D 123 10.30 -16.60 6.57
#